data_6X1W
#
_entry.id   6X1W
#
_cell.length_a   121.060
_cell.length_b   121.060
_cell.length_c   77.956
_cell.angle_alpha   90.000
_cell.angle_beta   90.000
_cell.angle_gamma   90.000
#
_symmetry.space_group_name_H-M   'P 41 21 2'
#
loop_
_entity.id
_entity.type
_entity.pdbx_description
1 polymer 'SC56-2 Heavy chain'
2 polymer 'SC56-2 Light chain'
3 polymer 'ACLYana-3-pTza peptide'
4 water water
#
loop_
_entity_poly.entity_id
_entity_poly.type
_entity_poly.pdbx_seq_one_letter_code
_entity_poly.pdbx_strand_id
1 'polypeptide(L)'
;(PCA)SVEESEGGLIKPGGILTLTCTASGFSLSSYGFSWVRQAPGKGLEHIGYLHANGRAYYATWAKSRSTITRNTNLNT
VTLQLTSLTAADTATYFCAKIGSVSDVAIWGPGTLVTISSSSGQPKAPSVFPLAPCCGDTPSSTVTMGCLVKGYLPEPVT
VTWNSGTLTNGVRTFPSVRQSSGLYSLSSVVSVTSSSQPVTCNVAHPATNTKVDKTVAPSTCSHHHHHH
;
H
2 'polypeptide(L)'
;DMTQTPSSTSAAVGGTVTINCQSSESIYNNKNLAWYQQKPGQSPRRLIYSISTLASGVSSRFKGSGSGTQFTLTISDVQC
DDAATYYCVGYYYSGGYYYSGSAAYYAFGGGTEVVVKGDPVAPTVLIFPPAADQVATGTVTIVCVANKYFPDVTVTWEVD
GTTQTTGIENSKTPQNSADCTYNLSSTLTLTSTQYNSHKEYTCKVTQGTTSVVQSFNRGDC
;
L
3 'polypeptide(L)' AGAG(UKD)AGAG A
#
# COMPACT_ATOMS: atom_id res chain seq x y z
N PCA A 1 -15.83 19.72 -3.67
CA PCA A 1 -14.68 19.57 -4.56
CB PCA A 1 -13.61 20.61 -4.28
CG PCA A 1 -13.91 21.11 -2.89
CD PCA A 1 -15.32 20.64 -2.66
OE PCA A 1 -15.99 21.04 -1.70
C PCA A 1 -14.06 18.19 -4.42
O PCA A 1 -13.74 17.75 -3.32
N SER A 2 -13.92 17.51 -5.54
CA SER A 2 -13.29 16.19 -5.56
C SER A 2 -12.97 15.82 -6.99
N VAL A 3 -12.01 14.92 -7.17
CA VAL A 3 -11.68 14.38 -8.47
C VAL A 3 -11.66 12.87 -8.37
N GLU A 4 -11.60 12.22 -9.52
CA GLU A 4 -11.84 10.79 -9.59
C GLU A 4 -11.22 10.25 -10.86
N GLU A 5 -10.28 9.32 -10.72
CA GLU A 5 -9.68 8.65 -11.87
C GLU A 5 -10.64 7.59 -12.40
N SER A 6 -10.67 7.45 -13.72
CA SER A 6 -11.39 6.35 -14.35
C SER A 6 -10.76 5.02 -13.97
N GLU A 7 -11.34 3.94 -14.48
CA GLU A 7 -10.94 2.61 -14.07
C GLU A 7 -9.61 2.22 -14.71
N GLY A 8 -8.77 1.58 -13.91
CA GLY A 8 -7.54 1.00 -14.39
C GLY A 8 -7.74 -0.46 -14.71
N GLY A 9 -6.83 -1.30 -14.27
CA GLY A 9 -6.98 -2.73 -14.43
C GLY A 9 -5.86 -3.32 -15.27
N LEU A 10 -6.07 -4.56 -15.69
CA LEU A 10 -5.06 -5.35 -16.34
C LEU A 10 -4.90 -4.93 -17.79
N ILE A 11 -3.66 -4.67 -18.23
CA ILE A 11 -3.40 -4.17 -19.57
C ILE A 11 -2.18 -4.89 -20.14
N LYS A 12 -2.26 -5.21 -21.43
CA LYS A 12 -1.21 -5.98 -22.07
C LYS A 12 0.04 -5.12 -22.26
N PRO A 13 1.22 -5.69 -22.09
CA PRO A 13 2.44 -4.95 -22.44
C PRO A 13 2.36 -4.48 -23.88
N GLY A 14 2.90 -3.29 -24.13
CA GLY A 14 2.84 -2.68 -25.44
C GLY A 14 1.58 -1.89 -25.72
N GLY A 15 0.55 -2.04 -24.88
CA GLY A 15 -0.70 -1.35 -25.09
C GLY A 15 -0.64 0.11 -24.66
N ILE A 16 -1.81 0.74 -24.69
CA ILE A 16 -1.97 2.15 -24.35
C ILE A 16 -2.81 2.25 -23.09
N LEU A 17 -2.32 3.03 -22.12
CA LEU A 17 -3.09 3.39 -20.95
C LEU A 17 -3.82 4.70 -21.22
N THR A 18 -5.12 4.73 -20.94
CA THR A 18 -5.90 5.96 -21.00
C THR A 18 -6.70 6.12 -19.72
N LEU A 19 -6.46 7.22 -19.02
CA LEU A 19 -7.11 7.48 -17.75
C LEU A 19 -7.74 8.85 -17.78
N THR A 20 -8.94 8.96 -17.24
CA THR A 20 -9.68 10.21 -17.26
C THR A 20 -9.89 10.65 -15.82
N CYS A 21 -9.67 11.93 -15.60
CA CYS A 21 -9.84 12.55 -14.29
C CYS A 21 -11.07 13.43 -14.40
N THR A 22 -12.11 13.10 -13.64
CA THR A 22 -13.36 13.86 -13.64
C THR A 22 -13.46 14.65 -12.36
N ALA A 23 -13.85 15.91 -12.48
CA ALA A 23 -13.98 16.79 -11.33
C ALA A 23 -15.45 17.02 -10.97
N SER A 24 -15.67 17.27 -9.68
CA SER A 24 -16.99 17.55 -9.16
C SER A 24 -16.86 18.70 -8.18
N GLY A 25 -17.74 19.70 -8.31
CA GLY A 25 -17.75 20.82 -7.40
C GLY A 25 -16.86 21.98 -7.80
N PHE A 26 -16.03 21.82 -8.83
CA PHE A 26 -15.18 22.90 -9.29
C PHE A 26 -14.81 22.62 -10.75
N SER A 27 -14.19 23.62 -11.38
CA SER A 27 -13.77 23.51 -12.78
C SER A 27 -12.29 23.15 -12.84
N LEU A 28 -12.00 21.95 -13.36
CA LEU A 28 -10.63 21.51 -13.55
C LEU A 28 -9.80 22.56 -14.28
N SER A 29 -10.39 23.21 -15.30
CA SER A 29 -9.63 24.11 -16.15
C SER A 29 -9.12 25.36 -15.44
N SER A 30 -9.61 25.67 -14.25
CA SER A 30 -9.11 26.84 -13.55
C SER A 30 -7.88 26.54 -12.70
N TYR A 31 -7.39 25.30 -12.73
CA TYR A 31 -6.21 24.93 -11.96
C TYR A 31 -5.27 24.10 -12.81
N GLY A 32 -3.99 24.15 -12.45
CA GLY A 32 -3.03 23.21 -12.98
C GLY A 32 -3.16 21.87 -12.28
N PHE A 33 -3.23 20.80 -13.07
CA PHE A 33 -3.40 19.45 -12.56
C PHE A 33 -2.30 18.54 -13.10
N SER A 34 -1.77 17.70 -12.22
CA SER A 34 -0.70 16.77 -12.52
C SER A 34 -1.24 15.35 -12.55
N TRP A 35 -0.49 14.48 -13.21
CA TRP A 35 -0.64 13.05 -13.06
C TRP A 35 0.58 12.53 -12.31
N VAL A 36 0.34 11.79 -11.24
CA VAL A 36 1.37 11.21 -10.39
C VAL A 36 1.15 9.70 -10.37
N ARG A 37 2.23 8.92 -10.26
CA ARG A 37 2.07 7.48 -10.15
C ARG A 37 2.98 6.91 -9.07
N GLN A 38 2.71 5.67 -8.70
CA GLN A 38 3.43 5.04 -7.60
C GLN A 38 3.47 3.54 -7.88
N ALA A 39 4.64 3.04 -8.24
CA ALA A 39 4.77 1.62 -8.47
C ALA A 39 4.62 0.88 -7.15
N PRO A 40 4.18 -0.38 -7.19
CA PRO A 40 3.98 -1.13 -5.95
C PRO A 40 5.18 -1.02 -5.02
N GLY A 41 4.97 -0.48 -3.83
CA GLY A 41 6.02 -0.42 -2.82
C GLY A 41 7.13 0.56 -3.10
N LYS A 42 6.92 1.50 -4.00
CA LYS A 42 7.94 2.50 -4.32
C LYS A 42 7.35 3.89 -4.10
N GLY A 43 8.14 4.90 -4.48
CA GLY A 43 7.81 6.27 -4.16
C GLY A 43 6.91 6.95 -5.20
N LEU A 44 6.46 8.15 -4.84
CA LEU A 44 5.62 8.94 -5.72
C LEU A 44 6.47 9.50 -6.85
N GLU A 45 5.89 9.55 -8.05
CA GLU A 45 6.64 9.94 -9.23
C GLU A 45 5.78 10.81 -10.14
N HIS A 46 6.26 12.02 -10.42
CA HIS A 46 5.52 12.95 -11.28
C HIS A 46 5.63 12.51 -12.75
N ILE A 47 4.50 12.52 -13.44
CA ILE A 47 4.44 12.21 -14.88
C ILE A 47 4.45 13.48 -15.72
N GLY A 48 3.51 14.38 -15.46
CA GLY A 48 3.38 15.60 -16.21
C GLY A 48 2.37 16.49 -15.53
N TYR A 49 2.37 17.74 -15.97
CA TYR A 49 1.57 18.80 -15.37
C TYR A 49 0.87 19.55 -16.49
N LEU A 50 -0.46 19.61 -16.41
CA LEU A 50 -1.23 20.46 -17.32
C LEU A 50 -1.51 21.78 -16.61
N HIS A 51 -0.68 22.77 -16.93
CA HIS A 51 -0.74 24.08 -16.31
C HIS A 51 -2.09 24.73 -16.53
N ALA A 52 -2.45 25.63 -15.61
CA ALA A 52 -3.72 26.34 -15.76
C ALA A 52 -3.78 27.07 -17.09
N ASN A 53 -2.64 27.48 -17.62
CA ASN A 53 -2.59 28.21 -18.88
C ASN A 53 -2.67 27.30 -20.10
N GLY A 54 -2.92 26.01 -19.91
CA GLY A 54 -3.13 25.11 -21.02
C GLY A 54 -1.90 24.41 -21.55
N ARG A 55 -0.70 24.82 -21.15
CA ARG A 55 0.51 24.12 -21.58
C ARG A 55 0.74 22.87 -20.73
N ALA A 56 1.12 21.79 -21.40
CA ALA A 56 1.46 20.53 -20.75
C ALA A 56 2.97 20.41 -20.65
N TYR A 57 3.44 20.10 -19.45
CA TYR A 57 4.86 19.90 -19.18
C TYR A 57 5.08 18.49 -18.63
N TYR A 58 5.98 17.75 -19.26
CA TYR A 58 6.15 16.32 -18.99
C TYR A 58 7.49 16.07 -18.34
N ALA A 59 7.53 15.13 -17.40
CA ALA A 59 8.80 14.61 -16.95
C ALA A 59 9.58 14.07 -18.13
N THR A 60 10.90 14.18 -18.07
CA THR A 60 11.72 13.78 -19.20
C THR A 60 11.47 12.32 -19.59
N TRP A 61 11.30 11.44 -18.61
CA TRP A 61 11.07 10.03 -18.94
C TRP A 61 9.72 9.84 -19.63
N ALA A 62 8.76 10.73 -19.37
CA ALA A 62 7.41 10.57 -19.88
C ALA A 62 7.17 11.31 -21.19
N LYS A 63 8.04 12.27 -21.54
CA LYS A 63 7.71 13.21 -22.60
C LYS A 63 7.42 12.50 -23.92
N SER A 64 8.16 11.44 -24.23
CA SER A 64 8.04 10.84 -25.54
C SER A 64 6.83 9.92 -25.69
N ARG A 65 6.21 9.47 -24.59
CA ARG A 65 5.11 8.52 -24.71
C ARG A 65 3.88 8.91 -23.89
N SER A 66 3.81 10.15 -23.44
CA SER A 66 2.67 10.64 -22.67
C SER A 66 2.02 11.82 -23.38
N THR A 67 0.69 11.90 -23.26
CA THR A 67 -0.06 13.10 -23.63
C THR A 67 -1.06 13.40 -22.53
N ILE A 68 -1.10 14.66 -22.08
CA ILE A 68 -2.08 15.13 -21.11
C ILE A 68 -2.88 16.25 -21.74
N THR A 69 -4.20 16.12 -21.71
CA THR A 69 -5.10 17.06 -22.38
C THR A 69 -6.28 17.36 -21.48
N ARG A 70 -6.87 18.53 -21.69
CA ARG A 70 -8.03 19.00 -20.93
C ARG A 70 -9.26 19.00 -21.81
N ASN A 71 -10.40 18.63 -21.22
CA ASN A 71 -11.70 18.76 -21.85
C ASN A 71 -12.53 19.71 -21.00
N THR A 72 -12.44 21.01 -21.29
CA THR A 72 -13.19 21.98 -20.52
C THR A 72 -14.69 21.71 -20.58
N ASN A 73 -15.18 21.21 -21.72
CA ASN A 73 -16.61 20.99 -21.87
C ASN A 73 -17.12 19.92 -20.93
N LEU A 74 -16.30 18.93 -20.59
CA LEU A 74 -16.71 17.82 -19.74
C LEU A 74 -16.06 17.87 -18.37
N ASN A 75 -15.20 18.85 -18.10
CA ASN A 75 -14.54 18.96 -16.80
C ASN A 75 -13.71 17.70 -16.54
N THR A 76 -12.87 17.35 -17.52
CA THR A 76 -11.95 16.22 -17.37
C THR A 76 -10.55 16.63 -17.81
N VAL A 77 -9.57 15.90 -17.27
CA VAL A 77 -8.22 15.85 -17.84
C VAL A 77 -7.91 14.39 -18.07
N THR A 78 -7.13 14.13 -19.10
CA THR A 78 -6.88 12.76 -19.52
C THR A 78 -5.39 12.53 -19.68
N LEU A 79 -4.95 11.36 -19.22
CA LEU A 79 -3.59 10.89 -19.42
C LEU A 79 -3.62 9.76 -20.43
N GLN A 80 -2.79 9.86 -21.47
CA GLN A 80 -2.51 8.75 -22.37
C GLN A 80 -1.04 8.41 -22.27
N LEU A 81 -0.75 7.14 -22.01
CA LEU A 81 0.62 6.66 -21.89
C LEU A 81 0.77 5.44 -22.77
N THR A 82 1.72 5.48 -23.69
CA THR A 82 1.89 4.47 -24.73
C THR A 82 3.06 3.56 -24.43
N SER A 83 3.16 2.49 -25.23
CA SER A 83 4.15 1.43 -25.10
C SER A 83 4.38 1.06 -23.63
N LEU A 84 3.35 0.50 -23.02
CA LEU A 84 3.42 0.11 -21.63
C LEU A 84 4.34 -1.11 -21.45
N THR A 85 5.07 -1.11 -20.35
CA THR A 85 5.80 -2.28 -19.89
C THR A 85 5.46 -2.54 -18.43
N ALA A 86 6.00 -3.62 -17.89
CA ALA A 86 5.72 -3.96 -16.50
C ALA A 86 6.16 -2.84 -15.56
N ALA A 87 7.16 -2.06 -15.97
CA ALA A 87 7.62 -0.95 -15.15
C ALA A 87 6.55 0.11 -14.97
N ASP A 88 5.53 0.13 -15.82
CA ASP A 88 4.46 1.11 -15.70
C ASP A 88 3.35 0.63 -14.78
N THR A 89 3.48 -0.56 -14.19
CA THR A 89 2.53 -1.00 -13.19
C THR A 89 2.62 -0.09 -11.97
N ALA A 90 1.50 0.50 -11.61
CA ALA A 90 1.50 1.53 -10.58
C ALA A 90 0.07 1.93 -10.28
N THR A 91 -0.09 2.59 -9.14
CA THR A 91 -1.27 3.40 -8.90
C THR A 91 -1.09 4.75 -9.55
N TYR A 92 -2.10 5.19 -10.29
CA TYR A 92 -2.06 6.44 -11.03
C TYR A 92 -3.03 7.41 -10.38
N PHE A 93 -2.53 8.60 -10.05
CA PHE A 93 -3.30 9.65 -9.38
C PHE A 93 -3.41 10.90 -10.25
N CYS A 94 -4.60 11.49 -10.23
CA CYS A 94 -4.83 12.86 -10.71
CA CYS A 94 -4.78 12.86 -10.71
C CYS A 94 -4.74 13.79 -9.50
N ALA A 95 -3.95 14.86 -9.60
CA ALA A 95 -3.78 15.69 -8.40
C ALA A 95 -3.35 17.11 -8.73
N LYS A 96 -3.96 18.07 -8.03
CA LYS A 96 -3.38 19.39 -7.88
C LYS A 96 -2.51 19.34 -6.63
N ILE A 97 -1.20 19.36 -6.83
CA ILE A 97 -0.26 19.00 -5.77
C ILE A 97 -0.21 20.07 -4.68
N GLY A 98 -0.41 21.33 -5.03
CA GLY A 98 -0.51 22.35 -4.00
C GLY A 98 0.80 22.59 -3.27
N SER A 99 1.85 22.81 -4.05
CA SER A 99 3.14 23.17 -3.49
C SER A 99 3.10 24.53 -2.79
N VAL A 100 2.23 25.44 -3.21
CA VAL A 100 2.16 26.78 -2.61
C VAL A 100 0.74 27.25 -2.40
N SER A 101 -0.23 26.69 -3.14
CA SER A 101 -1.60 27.15 -3.06
C SER A 101 -2.31 26.58 -1.83
N ASP A 102 -3.36 27.29 -1.42
CA ASP A 102 -4.26 26.76 -0.39
C ASP A 102 -4.97 25.51 -0.88
N VAL A 103 -5.27 25.43 -2.18
CA VAL A 103 -6.02 24.33 -2.75
C VAL A 103 -5.07 23.21 -3.10
N ALA A 104 -5.37 22.01 -2.61
CA ALA A 104 -4.73 20.79 -3.06
C ALA A 104 -5.77 19.69 -3.08
N ILE A 105 -5.71 18.83 -4.08
CA ILE A 105 -6.74 17.82 -4.23
C ILE A 105 -6.16 16.62 -4.96
N TRP A 106 -6.47 15.43 -4.46
CA TRP A 106 -5.97 14.19 -5.03
C TRP A 106 -7.14 13.26 -5.25
N GLY A 107 -7.15 12.60 -6.39
CA GLY A 107 -8.05 11.50 -6.60
C GLY A 107 -7.68 10.33 -5.72
N PRO A 108 -8.58 9.34 -5.63
CA PRO A 108 -8.27 8.16 -4.82
C PRO A 108 -7.22 7.27 -5.43
N GLY A 109 -6.89 7.48 -6.69
CA GLY A 109 -5.95 6.63 -7.37
C GLY A 109 -6.60 5.40 -7.97
N THR A 110 -6.01 4.92 -9.06
CA THR A 110 -6.47 3.72 -9.72
C THR A 110 -5.29 2.84 -10.09
N LEU A 111 -5.43 1.54 -9.84
CA LEU A 111 -4.36 0.58 -10.07
C LEU A 111 -4.34 0.12 -11.51
N VAL A 112 -3.18 0.25 -12.14
CA VAL A 112 -2.95 -0.17 -13.51
C VAL A 112 -1.91 -1.27 -13.44
N THR A 113 -2.22 -2.44 -14.02
CA THR A 113 -1.36 -3.61 -13.92
C THR A 113 -0.97 -4.06 -15.32
N ILE A 114 0.32 -4.01 -15.60
CA ILE A 114 0.87 -4.49 -16.86
C ILE A 114 1.40 -5.89 -16.61
N SER A 115 0.87 -6.87 -17.33
CA SER A 115 1.33 -8.25 -17.19
C SER A 115 1.13 -9.02 -18.49
N GLY A 119 -3.40 -12.92 -20.43
CA GLY A 119 -3.85 -11.56 -20.64
C GLY A 119 -5.24 -11.25 -20.08
N GLN A 120 -5.97 -12.32 -19.57
CA GLN A 120 -7.30 -12.11 -18.97
C GLN A 120 -7.19 -12.06 -17.45
N PRO A 121 -8.13 -11.41 -16.75
CA PRO A 121 -8.07 -11.44 -15.29
C PRO A 121 -8.43 -12.82 -14.78
N LYS A 122 -8.11 -13.06 -13.51
CA LYS A 122 -8.37 -14.34 -12.87
C LYS A 122 -9.06 -14.11 -11.54
N ALA A 123 -10.14 -14.84 -11.31
CA ALA A 123 -10.88 -14.72 -10.08
C ALA A 123 -10.18 -15.50 -8.97
N PRO A 124 -10.32 -15.07 -7.72
CA PRO A 124 -9.66 -15.77 -6.63
C PRO A 124 -10.33 -17.09 -6.28
N SER A 125 -9.50 -18.04 -5.88
CA SER A 125 -9.95 -19.18 -5.07
C SER A 125 -9.83 -18.83 -3.60
N VAL A 126 -10.83 -19.24 -2.82
CA VAL A 126 -10.94 -18.84 -1.41
C VAL A 126 -10.99 -20.11 -0.57
N PHE A 127 -10.03 -20.24 0.35
CA PHE A 127 -10.02 -21.40 1.22
C PHE A 127 -10.15 -20.99 2.68
N PRO A 128 -10.94 -21.71 3.47
CA PRO A 128 -11.06 -21.38 4.88
C PRO A 128 -9.80 -21.75 5.66
N LEU A 129 -9.50 -20.92 6.66
CA LEU A 129 -8.38 -21.13 7.58
C LEU A 129 -8.95 -21.45 8.96
N ALA A 130 -8.70 -22.67 9.43
CA ALA A 130 -9.20 -23.09 10.74
C ALA A 130 -8.09 -23.76 11.52
N PRO A 131 -8.02 -23.54 12.83
CA PRO A 131 -6.95 -24.17 13.62
C PRO A 131 -7.10 -25.68 13.62
N CYS A 132 -5.97 -26.36 13.67
CA CYS A 132 -5.99 -27.81 13.78
C CYS A 132 -6.80 -28.20 15.00
N CYS A 133 -7.65 -29.21 14.84
CA CYS A 133 -8.43 -29.65 15.99
C CYS A 133 -7.47 -30.12 17.08
N GLY A 134 -7.62 -29.54 18.25
CA GLY A 134 -6.59 -29.57 19.26
C GLY A 134 -6.37 -28.19 19.85
N ASP A 135 -7.35 -27.74 20.61
CA ASP A 135 -7.28 -26.50 21.37
C ASP A 135 -7.11 -26.84 22.84
N THR A 136 -6.81 -25.82 23.63
CA THR A 136 -6.90 -25.91 25.09
C THR A 136 -7.78 -24.75 25.53
N PRO A 137 -9.09 -25.00 25.77
CA PRO A 137 -10.09 -23.91 25.83
C PRO A 137 -9.55 -22.51 26.10
N SER A 138 -9.45 -21.70 25.06
CA SER A 138 -9.10 -20.28 25.19
C SER A 138 -10.36 -19.42 25.14
N SER A 139 -10.18 -18.10 25.35
CA SER A 139 -11.28 -17.16 25.39
C SER A 139 -11.64 -16.60 24.01
N THR A 140 -10.75 -16.74 23.03
CA THR A 140 -11.00 -16.31 21.67
C THR A 140 -10.56 -17.40 20.72
N VAL A 141 -11.19 -17.41 19.55
CA VAL A 141 -10.79 -18.29 18.45
C VAL A 141 -10.55 -17.39 17.26
N THR A 142 -9.61 -17.81 16.42
CA THR A 142 -9.20 -17.03 15.25
C THR A 142 -9.35 -17.92 14.04
N MET A 143 -10.19 -17.49 13.11
CA MET A 143 -10.43 -18.15 11.83
C MET A 143 -9.96 -17.21 10.73
N GLY A 144 -9.87 -17.73 9.51
CA GLY A 144 -9.43 -16.90 8.41
C GLY A 144 -9.89 -17.42 7.07
N CYS A 145 -9.55 -16.64 6.03
CA CYS A 145 -9.75 -17.03 4.65
C CYS A 145 -8.48 -16.73 3.88
N LEU A 146 -8.04 -17.72 3.09
CA LEU A 146 -6.93 -17.55 2.15
C LEU A 146 -7.49 -17.24 0.77
N VAL A 147 -7.11 -16.08 0.24
CA VAL A 147 -7.59 -15.61 -1.05
C VAL A 147 -6.43 -15.72 -2.02
N LYS A 148 -6.54 -16.64 -2.97
CA LYS A 148 -5.39 -17.15 -3.69
C LYS A 148 -5.63 -17.08 -5.19
N GLY A 149 -4.60 -16.64 -5.90
CA GLY A 149 -4.54 -16.84 -7.35
C GLY A 149 -5.34 -15.87 -8.18
N TYR A 150 -5.43 -14.61 -7.77
CA TYR A 150 -6.22 -13.63 -8.50
C TYR A 150 -5.31 -12.64 -9.22
N LEU A 151 -5.92 -11.96 -10.19
CA LEU A 151 -5.25 -10.95 -11.02
C LEU A 151 -6.32 -10.15 -11.75
N PRO A 152 -6.27 -8.81 -11.73
CA PRO A 152 -5.35 -7.97 -10.98
C PRO A 152 -5.87 -7.67 -9.58
N GLU A 153 -5.07 -6.92 -8.82
CA GLU A 153 -5.59 -6.30 -7.62
C GLU A 153 -6.65 -5.28 -8.02
N PRO A 154 -7.58 -4.96 -7.11
CA PRO A 154 -7.67 -5.49 -5.75
C PRO A 154 -8.79 -6.51 -5.59
N VAL A 155 -8.79 -7.16 -4.43
CA VAL A 155 -9.95 -7.80 -3.87
C VAL A 155 -10.36 -7.04 -2.61
N THR A 156 -11.60 -7.21 -2.21
CA THR A 156 -12.08 -6.72 -0.93
C THR A 156 -12.58 -7.90 -0.11
N VAL A 157 -12.25 -7.92 1.17
CA VAL A 157 -12.65 -8.96 2.11
C VAL A 157 -13.44 -8.33 3.23
N THR A 158 -14.63 -8.86 3.51
CA THR A 158 -15.39 -8.53 4.71
C THR A 158 -15.74 -9.82 5.44
N TRP A 159 -16.18 -9.67 6.68
CA TRP A 159 -16.55 -10.79 7.52
C TRP A 159 -17.99 -10.58 7.98
N ASN A 160 -18.81 -11.62 7.84
CA ASN A 160 -20.22 -11.58 8.19
C ASN A 160 -20.90 -10.37 7.54
N SER A 161 -20.63 -10.22 6.25
CA SER A 161 -21.26 -9.18 5.43
C SER A 161 -21.02 -7.79 6.01
N GLY A 162 -19.88 -7.62 6.68
CA GLY A 162 -19.51 -6.33 7.21
C GLY A 162 -19.96 -6.07 8.64
N THR A 163 -20.71 -7.00 9.24
CA THR A 163 -21.17 -6.82 10.62
C THR A 163 -20.10 -7.17 11.63
N LEU A 164 -19.04 -7.86 11.22
CA LEU A 164 -17.92 -8.18 12.09
C LEU A 164 -16.80 -7.23 11.69
N THR A 165 -16.61 -6.18 12.48
CA THR A 165 -15.67 -5.12 12.14
C THR A 165 -14.44 -5.07 13.02
N ASN A 166 -14.49 -5.63 14.22
CA ASN A 166 -13.36 -5.63 15.13
C ASN A 166 -12.61 -6.95 15.02
N GLY A 167 -11.31 -6.90 15.29
CA GLY A 167 -10.51 -8.11 15.32
C GLY A 167 -10.22 -8.69 13.95
N VAL A 168 -10.42 -7.90 12.90
CA VAL A 168 -10.11 -8.31 11.55
C VAL A 168 -8.69 -7.86 11.19
N ARG A 169 -7.88 -8.79 10.71
CA ARG A 169 -6.56 -8.46 10.18
C ARG A 169 -6.49 -9.00 8.75
N THR A 170 -6.48 -8.10 7.78
CA THR A 170 -6.33 -8.46 6.37
C THR A 170 -4.95 -8.03 5.89
N PHE A 171 -4.18 -8.96 5.45
CA PHE A 171 -2.78 -8.69 5.17
C PHE A 171 -2.58 -8.16 3.76
N PRO A 172 -1.55 -7.36 3.53
CA PRO A 172 -1.31 -6.88 2.17
C PRO A 172 -1.09 -8.06 1.23
N SER A 173 -1.61 -7.94 0.02
CA SER A 173 -1.42 -8.96 -0.99
C SER A 173 0.06 -9.11 -1.35
N VAL A 174 0.39 -10.29 -1.85
CA VAL A 174 1.73 -10.60 -2.34
C VAL A 174 1.59 -11.20 -3.73
N ARG A 175 2.48 -10.81 -4.64
CA ARG A 175 2.47 -11.32 -6.00
C ARG A 175 3.40 -12.53 -6.09
N GLN A 176 2.85 -13.66 -6.52
CA GLN A 176 3.62 -14.88 -6.65
C GLN A 176 4.52 -14.82 -7.87
N SER A 177 5.43 -15.80 -7.96
CA SER A 177 6.28 -15.92 -9.14
C SER A 177 5.46 -16.08 -10.41
N SER A 178 4.30 -16.73 -10.30
CA SER A 178 3.40 -16.91 -11.44
C SER A 178 2.74 -15.62 -11.88
N GLY A 179 2.91 -14.53 -11.13
CA GLY A 179 2.26 -13.28 -11.43
C GLY A 179 0.89 -13.11 -10.83
N LEU A 180 0.33 -14.14 -10.21
CA LEU A 180 -0.95 -14.02 -9.53
C LEU A 180 -0.73 -13.51 -8.11
N TYR A 181 -1.80 -12.98 -7.53
CA TYR A 181 -1.73 -12.39 -6.21
C TYR A 181 -2.39 -13.32 -5.18
N SER A 182 -2.06 -13.07 -3.92
CA SER A 182 -2.58 -13.88 -2.83
C SER A 182 -2.57 -13.06 -1.57
N LEU A 183 -3.53 -13.32 -0.69
CA LEU A 183 -3.53 -12.71 0.63
C LEU A 183 -4.42 -13.54 1.55
N SER A 184 -4.28 -13.27 2.84
CA SER A 184 -5.13 -13.88 3.86
C SER A 184 -5.77 -12.81 4.70
N SER A 185 -6.95 -13.13 5.21
CA SER A 185 -7.66 -12.32 6.18
C SER A 185 -8.00 -13.23 7.34
N VAL A 186 -7.72 -12.77 8.56
CA VAL A 186 -8.11 -13.52 9.76
C VAL A 186 -9.00 -12.67 10.62
N VAL A 187 -9.88 -13.32 11.38
CA VAL A 187 -10.73 -12.64 12.35
C VAL A 187 -10.68 -13.40 13.68
N SER A 188 -10.52 -12.67 14.77
CA SER A 188 -10.55 -13.23 16.11
CA SER A 188 -10.55 -13.22 16.11
C SER A 188 -11.88 -12.88 16.76
N VAL A 189 -12.57 -13.90 17.26
CA VAL A 189 -13.89 -13.72 17.85
C VAL A 189 -13.91 -14.43 19.19
N THR A 190 -14.84 -14.01 20.05
CA THR A 190 -15.04 -14.72 21.31
C THR A 190 -15.36 -16.18 21.02
N SER A 191 -14.93 -17.07 21.92
CA SER A 191 -15.00 -18.49 21.63
C SER A 191 -16.44 -19.00 21.51
N SER A 192 -17.44 -18.25 21.98
CA SER A 192 -18.84 -18.62 21.83
C SER A 192 -19.45 -18.17 20.51
N SER A 193 -18.63 -17.63 19.62
CA SER A 193 -19.13 -17.07 18.37
C SER A 193 -19.98 -18.08 17.60
N GLN A 194 -20.98 -17.57 16.91
CA GLN A 194 -21.64 -18.31 15.84
C GLN A 194 -20.66 -18.48 14.67
N PRO A 195 -21.01 -19.23 13.64
CA PRO A 195 -20.13 -19.34 12.47
C PRO A 195 -19.80 -17.96 11.89
N VAL A 196 -18.59 -17.85 11.34
CA VAL A 196 -18.13 -16.62 10.69
C VAL A 196 -17.95 -16.93 9.22
N THR A 197 -18.29 -15.95 8.38
CA THR A 197 -18.23 -16.11 6.93
C THR A 197 -17.41 -14.97 6.35
N CYS A 198 -16.45 -15.30 5.49
CA CYS A 198 -15.71 -14.27 4.78
C CYS A 198 -16.36 -14.03 3.44
N ASN A 199 -16.40 -12.76 3.05
CA ASN A 199 -16.98 -12.32 1.78
C ASN A 199 -15.87 -11.70 0.96
N VAL A 200 -15.59 -12.28 -0.20
CA VAL A 200 -14.47 -11.87 -1.04
C VAL A 200 -15.03 -11.41 -2.39
N ALA A 201 -14.79 -10.15 -2.72
CA ALA A 201 -15.23 -9.56 -3.98
C ALA A 201 -14.02 -9.22 -4.85
N HIS A 202 -14.15 -9.46 -6.15
CA HIS A 202 -13.10 -9.17 -7.13
C HIS A 202 -13.75 -8.45 -8.30
N PRO A 203 -13.79 -7.12 -8.26
CA PRO A 203 -14.49 -6.37 -9.33
C PRO A 203 -14.02 -6.73 -10.72
N ALA A 204 -12.71 -6.94 -10.90
CA ALA A 204 -12.16 -7.15 -12.24
C ALA A 204 -12.74 -8.38 -12.92
N THR A 205 -13.12 -9.41 -12.15
CA THR A 205 -13.79 -10.57 -12.73
C THR A 205 -15.28 -10.57 -12.40
N ASN A 206 -15.77 -9.56 -11.72
CA ASN A 206 -17.19 -9.45 -11.37
C ASN A 206 -17.66 -10.63 -10.53
N THR A 207 -16.82 -11.04 -9.56
CA THR A 207 -17.15 -12.18 -8.73
C THR A 207 -17.26 -11.79 -7.27
N LYS A 208 -18.10 -12.55 -6.56
CA LYS A 208 -18.21 -12.46 -5.12
C LYS A 208 -18.37 -13.87 -4.59
N VAL A 209 -17.55 -14.22 -3.60
CA VAL A 209 -17.52 -15.55 -3.01
C VAL A 209 -17.71 -15.39 -1.51
N ASP A 210 -18.54 -16.26 -0.93
CA ASP A 210 -18.74 -16.34 0.50
C ASP A 210 -18.25 -17.70 0.98
N LYS A 211 -17.41 -17.71 2.01
CA LYS A 211 -16.95 -18.96 2.64
C LYS A 211 -17.23 -18.91 4.13
N THR A 212 -18.05 -19.84 4.61
CA THR A 212 -18.30 -19.99 6.03
C THR A 212 -17.27 -20.97 6.56
N VAL A 213 -16.54 -20.56 7.59
CA VAL A 213 -15.42 -21.35 8.10
C VAL A 213 -15.93 -22.35 9.11
N ALA A 214 -15.78 -23.63 8.82
CA ALA A 214 -16.21 -24.66 9.75
C ALA A 214 -15.06 -25.06 10.66
N PRO A 215 -15.34 -25.62 11.83
CA PRO A 215 -14.25 -26.14 12.66
C PRO A 215 -13.67 -27.40 12.06
N SER A 216 -12.39 -27.62 12.34
CA SER A 216 -11.72 -28.84 11.86
C SER A 216 -12.20 -30.06 12.64
N THR A 217 -12.14 -31.22 11.96
CA THR A 217 -12.63 -32.48 12.51
C THR A 217 -12.02 -32.79 13.87
N CYS A 218 -12.87 -33.23 14.81
CA CYS A 218 -12.41 -33.74 16.12
C CYS A 218 -13.56 -34.41 16.87
N ASP B 1 16.17 17.69 -9.38
CA ASP B 1 15.59 16.58 -8.62
C ASP B 1 15.74 16.79 -7.11
N MET B 2 15.07 15.93 -6.35
CA MET B 2 14.97 16.06 -4.90
C MET B 2 15.63 14.85 -4.25
N THR B 3 16.59 15.13 -3.36
CA THR B 3 17.29 14.11 -2.60
C THR B 3 16.79 14.19 -1.16
N GLN B 4 16.08 13.16 -0.72
CA GLN B 4 15.44 13.12 0.58
C GLN B 4 16.19 12.16 1.50
N THR B 5 16.55 12.62 2.69
CA THR B 5 17.30 11.80 3.64
C THR B 5 16.81 12.06 5.05
N PRO B 6 16.84 11.05 5.94
CA PRO B 6 17.20 9.66 5.62
C PRO B 6 16.04 8.98 4.91
N SER B 7 16.31 7.86 4.23
CA SER B 7 15.26 7.09 3.59
C SER B 7 14.46 6.27 4.60
N SER B 8 15.05 5.95 5.75
CA SER B 8 14.37 5.26 6.82
C SER B 8 14.86 5.85 8.13
N THR B 9 13.94 6.03 9.08
CA THR B 9 14.30 6.52 10.40
C THR B 9 13.28 5.98 11.40
N SER B 10 13.63 6.10 12.68
CA SER B 10 12.75 5.66 13.74
C SER B 10 12.88 6.58 14.94
N ALA B 11 11.81 6.65 15.72
CA ALA B 11 11.80 7.42 16.96
C ALA B 11 10.86 6.75 17.95
N ALA B 12 11.17 6.94 19.22
CA ALA B 12 10.28 6.49 20.27
C ALA B 12 9.09 7.43 20.37
N VAL B 13 7.96 6.88 20.82
CA VAL B 13 6.81 7.72 21.08
C VAL B 13 7.23 8.86 21.97
N GLY B 14 6.84 10.08 21.59
CA GLY B 14 7.27 11.27 22.30
C GLY B 14 8.54 11.88 21.79
N GLY B 15 9.26 11.18 20.92
CA GLY B 15 10.49 11.69 20.36
C GLY B 15 10.27 12.69 19.25
N THR B 16 11.30 12.85 18.41
CA THR B 16 11.31 13.80 17.31
C THR B 16 11.93 13.13 16.10
N VAL B 17 11.31 13.30 14.93
CA VAL B 17 11.96 12.89 13.70
C VAL B 17 12.21 14.14 12.87
N THR B 18 13.32 14.11 12.14
CA THR B 18 13.70 15.19 11.25
C THR B 18 13.96 14.57 9.89
N ILE B 19 13.39 15.18 8.86
CA ILE B 19 13.53 14.70 7.50
C ILE B 19 14.00 15.86 6.63
N ASN B 20 15.00 15.62 5.80
CA ASN B 20 15.61 16.67 5.01
C ASN B 20 15.40 16.37 3.53
N CYS B 21 15.29 17.45 2.75
CA CYS B 21 15.23 17.37 1.29
C CYS B 21 16.18 18.40 0.73
N GLN B 22 16.92 18.00 -0.29
CA GLN B 22 17.83 18.89 -1.00
C GLN B 22 17.48 18.86 -2.48
N SER B 23 17.18 20.04 -3.02
CA SER B 23 16.82 20.21 -4.41
C SER B 23 18.04 20.64 -5.22
N SER B 24 18.23 20.04 -6.39
CA SER B 24 19.39 20.39 -7.20
C SER B 24 19.28 21.82 -7.74
N GLU B 25 18.07 22.35 -7.89
CA GLU B 25 17.90 23.75 -8.23
C GLU B 25 16.88 24.37 -7.30
N SER B 26 16.84 25.70 -7.29
CA SER B 26 16.01 26.42 -6.36
C SER B 26 14.54 26.27 -6.74
N ILE B 27 13.68 26.10 -5.73
CA ILE B 27 12.26 25.95 -6.01
C ILE B 27 11.68 27.26 -6.51
N TYR B 28 10.54 27.15 -7.20
CA TYR B 28 9.90 28.32 -7.79
C TYR B 28 9.54 29.33 -6.71
N ASN B 29 9.82 30.61 -6.99
CA ASN B 29 9.52 31.73 -6.11
C ASN B 29 10.14 31.57 -4.73
N ASN B 30 11.07 30.64 -4.56
CA ASN B 30 11.54 30.25 -3.23
C ASN B 30 10.39 29.97 -2.27
N LYS B 31 9.27 29.44 -2.78
CA LYS B 31 8.08 29.23 -1.97
C LYS B 31 7.47 27.84 -2.18
N ASN B 32 7.56 27.30 -3.39
CA ASN B 32 6.72 26.16 -3.79
C ASN B 32 7.33 24.86 -3.30
N LEU B 33 6.97 24.47 -2.08
CA LEU B 33 7.49 23.24 -1.49
C LEU B 33 6.44 22.71 -0.51
N ALA B 34 5.97 21.48 -0.74
CA ALA B 34 5.02 20.84 0.16
C ALA B 34 5.61 19.57 0.77
N TRP B 35 5.02 19.15 1.89
CA TRP B 35 5.33 17.85 2.49
C TRP B 35 4.06 17.03 2.56
N TYR B 36 4.18 15.75 2.23
CA TYR B 36 3.06 14.83 2.21
C TYR B 36 3.31 13.65 3.15
N GLN B 37 2.23 13.16 3.75
CA GLN B 37 2.23 11.92 4.51
C GLN B 37 1.41 10.88 3.76
N GLN B 38 1.93 9.66 3.68
CA GLN B 38 1.16 8.60 3.03
C GLN B 38 1.23 7.34 3.86
N LYS B 39 0.08 6.79 4.12
CA LYS B 39 0.01 5.47 4.73
C LYS B 39 -0.41 4.44 3.68
N PRO B 40 -0.07 3.17 3.87
CA PRO B 40 -0.42 2.15 2.88
C PRO B 40 -1.88 2.17 2.46
N GLY B 41 -2.11 2.09 1.16
CA GLY B 41 -3.46 2.01 0.63
C GLY B 41 -4.24 3.29 0.62
N GLN B 42 -3.60 4.42 0.91
CA GLN B 42 -4.28 5.69 0.99
C GLN B 42 -3.69 6.67 0.00
N SER B 43 -4.47 7.69 -0.32
CA SER B 43 -3.94 8.82 -1.05
C SER B 43 -2.94 9.58 -0.17
N PRO B 44 -1.97 10.25 -0.78
CA PRO B 44 -1.10 11.14 0.00
C PRO B 44 -1.92 12.24 0.64
N ARG B 45 -1.55 12.56 1.88
CA ARG B 45 -2.19 13.61 2.66
C ARG B 45 -1.20 14.75 2.79
N ARG B 46 -1.61 15.93 2.36
CA ARG B 46 -0.72 17.09 2.42
C ARG B 46 -0.61 17.59 3.84
N LEU B 47 0.62 17.78 4.31
CA LEU B 47 0.88 18.28 5.65
C LEU B 47 1.17 19.75 5.66
N ILE B 48 2.03 20.20 4.75
CA ILE B 48 2.58 21.54 4.75
C ILE B 48 2.71 21.97 3.30
N TYR B 49 2.56 23.28 3.06
CA TYR B 49 2.83 23.87 1.76
C TYR B 49 3.46 25.25 1.96
N SER B 50 3.94 25.82 0.85
CA SER B 50 4.69 27.08 0.90
C SER B 50 5.78 27.00 1.95
N ILE B 51 6.48 25.87 1.96
CA ILE B 51 7.61 25.58 2.86
C ILE B 51 7.17 25.32 4.29
N SER B 52 6.33 26.20 4.84
CA SER B 52 6.09 26.22 6.29
C SER B 52 4.63 26.38 6.69
N THR B 53 3.71 26.55 5.74
CA THR B 53 2.31 26.69 6.09
C THR B 53 1.67 25.34 6.40
N LEU B 54 1.02 25.26 7.55
CA LEU B 54 0.30 24.05 7.92
C LEU B 54 -0.98 23.91 7.12
N ALA B 55 -1.16 22.75 6.51
CA ALA B 55 -2.41 22.45 5.81
C ALA B 55 -3.54 22.30 6.80
N SER B 56 -4.76 22.40 6.30
CA SER B 56 -5.93 22.38 7.17
C SER B 56 -6.01 21.05 7.92
N GLY B 57 -6.29 21.14 9.22
CA GLY B 57 -6.50 19.95 10.01
C GLY B 57 -5.24 19.17 10.34
N VAL B 58 -4.06 19.75 10.14
CA VAL B 58 -2.81 19.10 10.44
C VAL B 58 -2.30 19.60 11.79
N SER B 59 -1.87 18.67 12.63
CA SER B 59 -1.40 19.00 13.96
C SER B 59 -0.18 19.92 13.92
N SER B 60 -0.06 20.76 14.94
CA SER B 60 1.01 21.73 15.03
C SER B 60 2.36 21.11 15.38
N ARG B 61 2.42 19.82 15.68
CA ARG B 61 3.74 19.24 15.92
C ARG B 61 4.43 18.85 14.62
N PHE B 62 3.78 19.07 13.49
CA PHE B 62 4.46 19.05 12.20
C PHE B 62 4.94 20.47 11.89
N LYS B 63 6.21 20.60 11.53
CA LYS B 63 6.80 21.89 11.24
C LYS B 63 7.67 21.80 9.99
N GLY B 64 7.45 22.73 9.07
CA GLY B 64 8.22 22.80 7.84
C GLY B 64 9.11 24.03 7.86
N SER B 65 10.30 23.90 7.29
CA SER B 65 11.24 25.00 7.29
C SER B 65 12.23 24.80 6.14
N GLY B 66 13.03 25.84 5.90
CA GLY B 66 14.05 25.82 4.89
C GLY B 66 13.91 26.99 3.92
N SER B 67 14.74 26.97 2.90
CA SER B 67 14.70 28.01 1.88
C SER B 67 15.68 27.62 0.78
N GLY B 68 15.38 28.09 -0.44
CA GLY B 68 16.27 27.88 -1.57
C GLY B 68 16.25 26.45 -2.06
N THR B 69 17.23 25.66 -1.61
CA THR B 69 17.39 24.28 -2.03
C THR B 69 17.43 23.28 -0.87
N GLN B 70 17.19 23.73 0.36
CA GLN B 70 17.31 22.86 1.53
C GLN B 70 16.08 23.04 2.41
N PHE B 71 15.45 21.92 2.76
CA PHE B 71 14.14 21.93 3.40
C PHE B 71 14.08 20.83 4.44
N THR B 72 13.27 21.07 5.47
CA THR B 72 13.22 20.19 6.63
C THR B 72 11.79 20.03 7.10
N LEU B 73 11.43 18.79 7.44
CA LEU B 73 10.20 18.46 8.13
C LEU B 73 10.58 17.93 9.51
N THR B 74 10.02 18.54 10.54
CA THR B 74 10.24 18.13 11.92
C THR B 74 8.90 17.69 12.51
N ILE B 75 8.88 16.48 13.04
CA ILE B 75 7.70 15.92 13.71
C ILE B 75 8.04 15.86 15.19
N SER B 76 7.34 16.66 15.99
CA SER B 76 7.57 16.73 17.43
C SER B 76 6.58 15.81 18.15
N ASP B 77 7.02 15.29 19.29
CA ASP B 77 6.15 14.48 20.13
C ASP B 77 5.48 13.38 19.31
N VAL B 78 6.32 12.58 18.65
CA VAL B 78 5.84 11.66 17.64
C VAL B 78 4.92 10.63 18.28
N GLN B 79 3.90 10.22 17.53
CA GLN B 79 2.89 9.29 17.99
C GLN B 79 2.81 8.10 17.04
N CYS B 80 2.20 7.01 17.50
CA CYS B 80 2.08 5.83 16.65
C CYS B 80 1.33 6.17 15.37
N ASP B 81 0.42 7.14 15.44
CA ASP B 81 -0.34 7.60 14.29
C ASP B 81 0.53 8.27 13.25
N ASP B 82 1.76 8.61 13.59
CA ASP B 82 2.68 9.23 12.64
C ASP B 82 3.45 8.19 11.83
N ALA B 83 3.30 6.92 12.16
CA ALA B 83 3.98 5.88 11.38
C ALA B 83 3.45 5.94 9.96
N ALA B 84 4.35 6.21 9.03
CA ALA B 84 3.96 6.51 7.66
C ALA B 84 5.23 6.71 6.84
N THR B 85 5.02 6.88 5.54
CA THR B 85 6.05 7.37 4.65
C THR B 85 5.78 8.84 4.35
N TYR B 86 6.84 9.63 4.32
CA TYR B 86 6.74 11.07 4.10
C TYR B 86 7.51 11.45 2.83
N TYR B 87 6.98 12.44 2.11
CA TYR B 87 7.56 12.92 0.85
C TYR B 87 7.57 14.44 0.85
N CYS B 88 8.70 15.03 0.47
CA CYS B 88 8.70 16.41 0.03
C CYS B 88 8.39 16.46 -1.46
N VAL B 89 7.92 17.62 -1.93
CA VAL B 89 7.71 17.82 -3.36
C VAL B 89 7.87 19.30 -3.66
N GLY B 90 8.74 19.61 -4.62
CA GLY B 90 8.97 20.98 -5.03
C GLY B 90 8.40 21.24 -6.41
N TYR B 91 8.06 22.49 -6.67
CA TYR B 91 7.66 22.92 -8.00
C TYR B 91 8.69 23.88 -8.57
N TYR B 92 8.92 23.76 -9.88
CA TYR B 92 9.93 24.56 -10.57
C TYR B 92 9.35 25.08 -11.87
N TYR B 93 9.70 26.33 -12.20
CA TYR B 93 9.19 26.98 -13.40
C TYR B 93 10.20 28.01 -13.85
N SER B 94 10.45 28.06 -15.16
CA SER B 94 11.37 29.06 -15.69
C SER B 94 10.89 29.51 -17.05
N GLY B 95 11.28 30.74 -17.42
CA GLY B 95 10.85 31.29 -18.69
C GLY B 95 9.45 31.81 -18.61
N GLY B 96 8.64 31.50 -19.62
CA GLY B 96 7.28 32.00 -19.72
C GLY B 96 7.08 33.10 -20.74
N TYR B 97 8.14 33.54 -21.42
CA TYR B 97 8.04 34.58 -22.44
C TYR B 97 8.32 34.02 -23.82
N TYR B 98 7.96 34.78 -24.85
CA TYR B 98 8.14 34.32 -26.22
C TYR B 98 9.59 33.92 -26.48
N TYR B 99 10.54 34.77 -26.12
CA TYR B 99 11.93 34.49 -26.47
C TYR B 99 12.63 33.58 -25.48
N SER B 100 12.00 33.27 -24.35
CA SER B 100 12.58 32.36 -23.37
C SER B 100 12.05 30.94 -23.49
N GLY B 101 10.85 30.75 -24.04
CA GLY B 101 10.20 29.47 -23.90
C GLY B 101 9.90 29.25 -22.42
N SER B 102 9.47 28.04 -22.10
CA SER B 102 9.10 27.77 -20.71
C SER B 102 9.27 26.31 -20.39
N ALA B 103 9.47 26.05 -19.10
CA ALA B 103 9.62 24.69 -18.60
C ALA B 103 9.14 24.67 -17.16
N ALA B 104 8.41 23.61 -16.81
CA ALA B 104 7.89 23.47 -15.46
C ALA B 104 7.91 21.99 -15.09
N TYR B 105 8.09 21.73 -13.80
CA TYR B 105 8.01 20.36 -13.33
C TYR B 105 7.87 20.35 -11.82
N TYR B 106 7.41 19.22 -11.32
CA TYR B 106 7.45 18.91 -9.90
C TYR B 106 8.45 17.78 -9.69
N ALA B 107 9.09 17.79 -8.53
CA ALA B 107 10.03 16.74 -8.15
C ALA B 107 9.70 16.26 -6.74
N PHE B 108 9.30 15.00 -6.63
CA PHE B 108 9.12 14.37 -5.34
C PHE B 108 10.43 13.81 -4.82
N GLY B 109 10.68 14.00 -3.53
CA GLY B 109 11.72 13.24 -2.87
C GLY B 109 11.41 11.75 -2.89
N GLY B 110 12.45 10.97 -2.64
CA GLY B 110 12.34 9.51 -2.66
C GLY B 110 11.54 8.93 -1.51
N GLY B 111 11.26 9.73 -0.50
CA GLY B 111 10.43 9.30 0.61
C GLY B 111 11.25 8.88 1.82
N THR B 112 10.62 8.95 2.98
CA THR B 112 11.21 8.52 4.25
C THR B 112 10.20 7.68 5.01
N GLU B 113 10.55 6.41 5.24
CA GLU B 113 9.77 5.55 6.12
C GLU B 113 10.06 5.89 7.58
N VAL B 114 9.03 6.20 8.34
CA VAL B 114 9.16 6.55 9.76
C VAL B 114 8.55 5.43 10.58
N VAL B 115 9.39 4.71 11.35
CA VAL B 115 8.94 3.68 12.28
C VAL B 115 8.88 4.28 13.67
N VAL B 116 7.75 4.13 14.35
CA VAL B 116 7.57 4.66 15.70
C VAL B 116 7.72 3.51 16.68
N LYS B 117 8.59 3.70 17.67
CA LYS B 117 8.91 2.65 18.63
C LYS B 117 8.01 2.80 19.84
N GLY B 118 7.05 1.90 19.97
CA GLY B 118 6.16 1.85 21.10
C GLY B 118 6.60 0.80 22.10
N ASP B 119 5.67 0.45 22.99
CA ASP B 119 5.95 -0.55 24.02
C ASP B 119 6.23 -1.90 23.36
N PRO B 120 7.32 -2.57 23.70
CA PRO B 120 7.56 -3.90 23.14
C PRO B 120 6.47 -4.87 23.56
N VAL B 121 6.08 -5.74 22.61
CA VAL B 121 5.08 -6.78 22.85
C VAL B 121 5.51 -8.03 22.08
N ALA B 122 5.55 -9.15 22.75
CA ALA B 122 5.88 -10.39 22.08
C ALA B 122 4.70 -10.86 21.23
N PRO B 123 4.96 -11.52 20.11
CA PRO B 123 3.86 -12.01 19.28
C PRO B 123 3.20 -13.25 19.86
N THR B 124 1.93 -13.44 19.50
CA THR B 124 1.30 -14.74 19.57
C THR B 124 1.17 -15.29 18.16
N VAL B 125 1.44 -16.58 18.03
CA VAL B 125 1.58 -17.22 16.74
C VAL B 125 0.45 -18.22 16.56
N LEU B 126 -0.11 -18.23 15.35
CA LEU B 126 -1.14 -19.18 14.97
C LEU B 126 -0.72 -19.84 13.68
N ILE B 127 -1.02 -21.14 13.56
CA ILE B 127 -0.72 -21.87 12.35
C ILE B 127 -2.02 -22.49 11.84
N PHE B 128 -2.20 -22.49 10.53
CA PHE B 128 -3.42 -23.01 9.92
C PHE B 128 -3.06 -24.10 8.93
N PRO B 129 -3.38 -25.36 9.19
CA PRO B 129 -3.16 -26.38 8.19
C PRO B 129 -3.99 -26.11 6.95
N PRO B 130 -3.60 -26.65 5.81
CA PRO B 130 -4.36 -26.39 4.58
C PRO B 130 -5.72 -27.06 4.61
N ALA B 131 -6.70 -26.37 4.05
CA ALA B 131 -8.04 -26.94 3.91
C ALA B 131 -7.98 -28.22 3.09
N ALA B 132 -8.90 -29.13 3.39
CA ALA B 132 -8.96 -30.40 2.66
C ALA B 132 -9.12 -30.18 1.16
N ASP B 133 -9.88 -29.15 0.77
CA ASP B 133 -10.07 -28.86 -0.65
C ASP B 133 -8.83 -28.26 -1.31
N GLN B 134 -7.85 -27.78 -0.52
CA GLN B 134 -6.62 -27.26 -1.10
C GLN B 134 -5.79 -28.38 -1.71
N VAL B 135 -5.66 -29.48 -0.99
CA VAL B 135 -4.79 -30.57 -1.43
C VAL B 135 -5.23 -31.06 -2.81
N ALA B 136 -6.54 -31.22 -3.00
CA ALA B 136 -7.06 -31.71 -4.27
C ALA B 136 -6.56 -30.89 -5.46
N THR B 137 -6.19 -29.63 -5.25
CA THR B 137 -5.73 -28.77 -6.35
C THR B 137 -4.28 -29.02 -6.73
N GLY B 138 -3.58 -29.92 -6.05
CA GLY B 138 -2.19 -30.16 -6.33
C GLY B 138 -1.22 -29.16 -5.74
N THR B 139 -1.72 -28.11 -5.10
CA THR B 139 -0.88 -27.13 -4.42
C THR B 139 -1.46 -26.82 -3.05
N VAL B 140 -0.59 -26.80 -2.05
CA VAL B 140 -0.96 -26.60 -0.65
C VAL B 140 -0.27 -25.36 -0.13
N THR B 141 -1.03 -24.55 0.62
CA THR B 141 -0.52 -23.33 1.23
C THR B 141 -0.79 -23.38 2.72
N ILE B 142 0.28 -23.31 3.51
CA ILE B 142 0.20 -23.32 4.97
C ILE B 142 0.40 -21.90 5.46
N VAL B 143 -0.51 -21.41 6.30
CA VAL B 143 -0.46 -20.03 6.76
C VAL B 143 -0.07 -20.00 8.23
N CYS B 144 0.91 -19.16 8.55
CA CYS B 144 1.33 -18.86 9.91
C CYS B 144 1.14 -17.36 10.14
N VAL B 145 0.65 -17.00 11.32
CA VAL B 145 0.37 -15.60 11.64
C VAL B 145 1.05 -15.22 12.94
N ALA B 146 1.74 -14.09 12.93
CA ALA B 146 2.29 -13.47 14.13
C ALA B 146 1.50 -12.21 14.40
N ASN B 147 0.77 -12.17 15.50
CA ASN B 147 -0.16 -11.09 15.75
C ASN B 147 0.35 -10.14 16.82
N LYS B 148 0.08 -8.85 16.60
CA LYS B 148 0.26 -7.78 17.57
C LYS B 148 1.63 -7.83 18.25
N TYR B 149 2.68 -7.44 17.53
CA TYR B 149 4.02 -7.52 18.09
C TYR B 149 4.81 -6.27 17.74
N PHE B 150 5.81 -6.00 18.57
CA PHE B 150 6.81 -4.98 18.32
C PHE B 150 7.97 -5.25 19.26
N PRO B 151 9.22 -5.20 18.79
CA PRO B 151 9.66 -4.85 17.44
C PRO B 151 9.64 -6.02 16.47
N ASP B 152 10.27 -5.83 15.31
CA ASP B 152 10.16 -6.76 14.21
C ASP B 152 10.58 -8.17 14.58
N VAL B 153 10.07 -9.13 13.81
CA VAL B 153 10.33 -10.54 13.98
C VAL B 153 10.90 -11.10 12.71
N THR B 154 11.40 -12.33 12.81
CA THR B 154 11.81 -13.13 11.68
C THR B 154 11.12 -14.48 11.80
N VAL B 155 10.76 -15.07 10.66
CA VAL B 155 9.99 -16.31 10.65
C VAL B 155 10.82 -17.41 10.01
N THR B 156 10.77 -18.60 10.60
CA THR B 156 11.43 -19.77 10.07
C THR B 156 10.42 -20.90 9.95
N TRP B 157 10.52 -21.67 8.89
CA TRP B 157 9.68 -22.82 8.67
C TRP B 157 10.51 -24.08 8.75
N GLU B 158 9.99 -25.08 9.46
CA GLU B 158 10.63 -26.39 9.55
C GLU B 158 9.63 -27.45 9.11
N VAL B 159 10.11 -28.40 8.31
CA VAL B 159 9.31 -29.55 7.89
C VAL B 159 10.05 -30.79 8.33
N ASP B 160 9.51 -31.49 9.34
CA ASP B 160 10.16 -32.67 9.90
C ASP B 160 11.59 -32.32 10.35
N GLY B 161 11.74 -31.13 10.91
CA GLY B 161 13.00 -30.70 11.47
C GLY B 161 13.97 -30.04 10.50
N THR B 162 13.62 -29.97 9.22
CA THR B 162 14.50 -29.38 8.21
C THR B 162 14.01 -27.99 7.85
N THR B 163 14.86 -26.99 8.09
CA THR B 163 14.52 -25.61 7.77
C THR B 163 14.21 -25.48 6.29
N GLN B 164 13.18 -24.71 5.98
CA GLN B 164 12.77 -24.45 4.61
C GLN B 164 13.41 -23.16 4.11
N THR B 165 13.74 -23.16 2.81
CA THR B 165 14.35 -21.99 2.19
C THR B 165 13.60 -21.49 0.96
N THR B 166 12.61 -22.23 0.47
CA THR B 166 11.87 -21.85 -0.72
C THR B 166 10.38 -21.90 -0.45
N GLY B 167 9.62 -21.17 -1.27
CA GLY B 167 8.18 -21.22 -1.21
C GLY B 167 7.57 -20.49 -0.03
N ILE B 168 8.26 -19.49 0.51
CA ILE B 168 7.82 -18.76 1.68
C ILE B 168 7.61 -17.31 1.29
N GLU B 169 6.44 -16.76 1.64
CA GLU B 169 6.13 -15.36 1.40
C GLU B 169 5.61 -14.75 2.69
N ASN B 170 6.17 -13.61 3.05
CA ASN B 170 5.77 -12.88 4.25
C ASN B 170 5.06 -11.59 3.85
N SER B 171 4.07 -11.21 4.64
CA SER B 171 3.37 -9.95 4.42
C SER B 171 3.06 -9.33 5.76
N LYS B 172 3.55 -8.12 5.97
CA LYS B 172 3.43 -7.43 7.24
C LYS B 172 2.45 -6.27 7.08
N THR B 173 1.59 -6.09 8.06
CA THR B 173 0.66 -4.97 8.04
C THR B 173 1.39 -3.69 8.43
N PRO B 174 0.79 -2.54 8.14
CA PRO B 174 1.33 -1.29 8.67
C PRO B 174 1.27 -1.28 10.18
N GLN B 175 2.02 -0.36 10.76
CA GLN B 175 2.04 -0.23 12.21
C GLN B 175 0.68 0.24 12.68
N ASN B 176 0.24 -0.34 13.80
CA ASN B 176 -1.04 0.03 14.36
C ASN B 176 -1.00 1.48 14.82
N SER B 177 -1.96 2.28 14.33
CA SER B 177 -1.93 3.71 14.62
C SER B 177 -2.15 4.02 16.08
N ALA B 178 -2.62 3.06 16.88
CA ALA B 178 -2.88 3.25 18.30
C ALA B 178 -1.74 2.77 19.19
N ASP B 179 -1.10 1.64 18.87
CA ASP B 179 -0.11 1.05 19.77
C ASP B 179 1.17 0.64 19.07
N CYS B 180 1.33 0.97 17.79
CA CYS B 180 2.58 0.80 17.06
C CYS B 180 2.88 -0.66 16.68
N THR B 181 2.02 -1.62 17.06
CA THR B 181 2.33 -3.02 16.80
C THR B 181 2.09 -3.40 15.34
N TYR B 182 2.80 -4.44 14.91
CA TYR B 182 2.66 -5.10 13.63
C TYR B 182 1.82 -6.37 13.75
N ASN B 183 1.37 -6.85 12.59
CA ASN B 183 0.93 -8.22 12.40
C ASN B 183 1.62 -8.76 11.16
N LEU B 184 1.85 -10.07 11.11
CA LEU B 184 2.59 -10.65 10.01
C LEU B 184 1.98 -11.98 9.60
N SER B 185 1.79 -12.15 8.29
CA SER B 185 1.46 -13.44 7.72
C SER B 185 2.67 -14.00 7.02
N SER B 186 2.93 -15.29 7.23
CA SER B 186 3.97 -16.01 6.52
C SER B 186 3.35 -17.27 5.97
N THR B 187 3.52 -17.51 4.69
CA THR B 187 2.88 -18.64 4.02
C THR B 187 3.93 -19.54 3.40
N LEU B 188 3.76 -20.85 3.59
CA LEU B 188 4.63 -21.85 3.01
C LEU B 188 3.83 -22.64 1.98
N THR B 189 4.29 -22.61 0.73
CA THR B 189 3.58 -23.23 -0.37
C THR B 189 4.33 -24.48 -0.85
N LEU B 190 3.61 -25.59 -0.94
CA LEU B 190 4.16 -26.87 -1.37
C LEU B 190 3.20 -27.52 -2.35
N THR B 191 3.71 -28.50 -3.08
CA THR B 191 2.83 -29.34 -3.88
C THR B 191 2.13 -30.33 -2.97
N SER B 192 0.99 -30.82 -3.44
CA SER B 192 0.29 -31.85 -2.69
C SER B 192 1.17 -33.07 -2.44
N THR B 193 2.04 -33.38 -3.40
CA THR B 193 2.95 -34.51 -3.23
C THR B 193 3.86 -34.28 -2.03
N GLN B 194 4.60 -33.18 -2.03
CA GLN B 194 5.52 -32.90 -0.93
C GLN B 194 4.78 -32.85 0.39
N TYR B 195 3.63 -32.17 0.42
CA TYR B 195 2.88 -32.03 1.66
C TYR B 195 2.48 -33.39 2.22
N ASN B 196 2.03 -34.29 1.36
CA ASN B 196 1.62 -35.62 1.81
C ASN B 196 2.82 -36.48 2.20
N SER B 197 4.04 -36.09 1.78
CA SER B 197 5.24 -36.85 2.06
C SER B 197 6.00 -36.34 3.29
N HIS B 198 5.32 -35.62 4.18
CA HIS B 198 5.94 -35.15 5.41
C HIS B 198 4.89 -35.07 6.49
N LYS B 199 5.36 -34.98 7.74
CA LYS B 199 4.50 -35.13 8.90
C LYS B 199 4.37 -33.83 9.69
N GLU B 200 5.49 -33.31 10.20
CA GLU B 200 5.46 -32.16 11.10
C GLU B 200 5.72 -30.87 10.33
N TYR B 201 4.87 -29.88 10.56
CA TYR B 201 4.98 -28.57 9.91
C TYR B 201 5.02 -27.50 11.01
N THR B 202 6.09 -26.70 10.99
CA THR B 202 6.42 -25.81 12.09
C THR B 202 6.75 -24.43 11.57
N CYS B 203 6.18 -23.42 12.21
CA CYS B 203 6.51 -22.02 11.96
CA CYS B 203 6.57 -22.04 11.95
C CYS B 203 7.10 -21.44 13.24
N LYS B 204 8.25 -20.80 13.13
CA LYS B 204 9.00 -20.30 14.28
C LYS B 204 9.20 -18.80 14.11
N VAL B 205 8.58 -18.02 15.00
CA VAL B 205 8.64 -16.56 14.97
C VAL B 205 9.62 -16.13 16.06
N THR B 206 10.71 -15.48 15.64
CA THR B 206 11.80 -15.08 16.52
C THR B 206 11.82 -13.56 16.66
N GLN B 207 11.85 -13.08 17.90
CA GLN B 207 11.90 -11.66 18.22
C GLN B 207 13.07 -11.44 19.17
N GLY B 208 14.20 -11.01 18.63
CA GLY B 208 15.39 -10.94 19.47
C GLY B 208 15.81 -12.34 19.90
N THR B 209 15.89 -12.54 21.21
CA THR B 209 16.29 -13.83 21.77
C THR B 209 15.10 -14.74 22.04
N THR B 210 13.88 -14.26 21.85
CA THR B 210 12.68 -15.03 22.12
C THR B 210 12.15 -15.59 20.81
N SER B 211 11.82 -16.88 20.81
CA SER B 211 11.17 -17.55 19.69
C SER B 211 9.89 -18.22 20.16
N VAL B 212 8.84 -18.13 19.34
CA VAL B 212 7.57 -18.80 19.57
C VAL B 212 7.29 -19.73 18.40
N VAL B 213 7.05 -21.01 18.68
CA VAL B 213 6.76 -22.00 17.64
C VAL B 213 5.31 -22.42 17.71
N GLN B 214 4.74 -22.70 16.55
CA GLN B 214 3.46 -23.37 16.43
C GLN B 214 3.62 -24.50 15.42
N SER B 215 3.07 -25.67 15.73
CA SER B 215 3.29 -26.87 14.93
C SER B 215 1.98 -27.63 14.79
N PHE B 216 1.95 -28.48 13.76
CA PHE B 216 0.87 -29.45 13.61
C PHE B 216 1.41 -30.64 12.80
N ASN B 217 0.81 -31.80 13.01
CA ASN B 217 1.13 -33.00 12.25
C ASN B 217 0.04 -33.21 11.20
N ARG B 218 0.45 -33.40 9.95
CA ARG B 218 -0.53 -33.53 8.87
C ARG B 218 -1.61 -34.55 9.23
N GLY B 219 -1.24 -35.61 9.94
CA GLY B 219 -2.18 -36.67 10.23
C GLY B 219 -3.27 -36.30 11.20
N ASP B 220 -3.17 -35.15 11.88
CA ASP B 220 -4.08 -34.82 12.96
C ASP B 220 -5.19 -33.85 12.54
N CYS B 221 -5.10 -33.25 11.36
CA CYS B 221 -6.08 -32.25 10.95
C CYS B 221 -6.49 -32.46 9.49
N ALA C 3 -1.13 32.83 -10.21
CA ALA C 3 0.27 33.26 -10.31
C ALA C 3 1.18 32.39 -9.43
N GLY C 4 0.59 31.43 -8.74
CA GLY C 4 1.34 30.56 -7.84
C GLY C 4 2.28 29.63 -8.58
O3 UKD C 5 0.24 25.04 -5.52
O4 UKD C 5 -0.73 23.46 -7.12
P UKD C 5 0.45 24.33 -6.83
O1 UKD C 5 1.73 23.53 -6.79
CE2 UKD C 5 0.56 25.55 -8.15
NE1 UKD C 5 -0.36 26.53 -8.32
ND1 UKD C 5 0.08 27.25 -9.45
CD2 UKD C 5 1.58 25.57 -9.09
NG UKD C 5 1.27 26.61 -9.87
CB UKD C 5 1.90 27.19 -11.05
CA UKD C 5 2.75 28.41 -10.67
N UKD C 5 1.94 29.32 -9.83
C UKD C 5 3.26 29.05 -11.94
O UKD C 5 3.68 28.34 -12.84
N ALA C 6 3.20 30.38 -12.01
CA ALA C 6 3.64 31.10 -13.22
C ALA C 6 3.71 32.62 -13.02
N GLY C 7 4.33 33.30 -13.97
CA GLY C 7 4.47 34.75 -13.92
C GLY C 7 3.22 35.47 -14.39
#